data_3D27
#
_entry.id   3D27
#
_cell.length_a   38.510
_cell.length_b   59.880
_cell.length_c   54.880
_cell.angle_alpha   90.000
_cell.angle_beta   106.470
_cell.angle_gamma   90.000
#
_symmetry.space_group_name_H-M   'P 1 21 1'
#
loop_
_entity.id
_entity.type
_entity.pdbx_description
1 polymer 'Methionine aminopeptidase'
2 non-polymer 'MANGANESE (II) ION'
3 non-polymer 4-(3-ethylthiophen-2-yl)benzene-1,2-diol
4 water water
#
_entity_poly.entity_id   1
_entity_poly.type   'polypeptide(L)'
_entity_poly.pdbx_seq_one_letter_code
;SIKTPEDIEKMRVAGRLAAEVLEMIEPYVKPGVSTGELDRICNDYIVNEQHAVSACLGYHGYPKSVCISINEVVCHGIPD
DAKLLKDGDIVNIDVTVIKDGFHGDTSKMFIVGKPTIMGERLCRITQESLYLALRMVKPGINLREIGAAIQKFVEAEGFS
VVREYCGHGIGRGFHEEPQVLHYDSRETNVVLKPGMTFTIEPMVNAGKKEIRTMKDGWTVKTKDRSLSAQYEHTIVVTDN
GCEILTLRKDDTIPAIISHDE
;
_entity_poly.pdbx_strand_id   A
#
loop_
_chem_comp.id
_chem_comp.type
_chem_comp.name
_chem_comp.formula
MN non-polymer 'MANGANESE (II) ION' 'Mn 2'
W29 non-polymer 4-(3-ethylthiophen-2-yl)benzene-1,2-diol 'C12 H12 O2 S'
#
# COMPACT_ATOMS: atom_id res chain seq x y z
N SER A 1 -19.48 -5.03 2.26
CA SER A 1 -18.86 -5.58 3.50
C SER A 1 -18.38 -7.04 3.32
N ILE A 2 -19.31 -7.99 3.24
CA ILE A 2 -18.94 -9.40 3.06
C ILE A 2 -19.01 -9.78 1.58
N LYS A 3 -17.85 -10.09 1.00
CA LYS A 3 -17.77 -10.49 -0.40
C LYS A 3 -18.20 -11.94 -0.60
N THR A 4 -18.92 -12.18 -1.69
CA THR A 4 -19.28 -13.52 -2.12
C THR A 4 -18.06 -14.17 -2.76
N PRO A 5 -18.01 -15.53 -2.79
CA PRO A 5 -16.90 -16.24 -3.44
C PRO A 5 -16.55 -15.72 -4.84
N GLU A 6 -17.58 -15.36 -5.61
CA GLU A 6 -17.44 -14.86 -6.97
C GLU A 6 -16.86 -13.44 -6.99
N ASP A 7 -17.25 -12.64 -6.01
CA ASP A 7 -16.68 -11.30 -5.83
C ASP A 7 -15.22 -11.40 -5.41
N ILE A 8 -14.92 -12.36 -4.54
CA ILE A 8 -13.56 -12.62 -4.08
C ILE A 8 -12.67 -13.06 -5.23
N GLU A 9 -13.22 -13.87 -6.14
CA GLU A 9 -12.49 -14.30 -7.32
C GLU A 9 -12.13 -13.12 -8.23
N LYS A 10 -13.08 -12.19 -8.39
CA LYS A 10 -12.83 -10.95 -9.13
C LYS A 10 -11.77 -10.09 -8.44
N MET A 11 -11.77 -10.12 -7.11
N MET A 11 -11.75 -10.12 -7.11
CA MET A 11 -10.77 -9.44 -6.29
CA MET A 11 -10.75 -9.41 -6.32
C MET A 11 -9.38 -10.03 -6.51
C MET A 11 -9.37 -10.04 -6.47
N ARG A 12 -9.32 -11.36 -6.60
CA ARG A 12 -8.08 -12.09 -6.88
C ARG A 12 -7.46 -11.66 -8.21
N VAL A 13 -8.31 -11.54 -9.23
CA VAL A 13 -7.90 -11.10 -10.56
C VAL A 13 -7.39 -9.65 -10.49
N ALA A 14 -8.19 -8.77 -9.90
CA ALA A 14 -7.83 -7.35 -9.80
C ALA A 14 -6.57 -7.15 -8.95
N GLY A 15 -6.48 -7.92 -7.86
CA GLY A 15 -5.31 -7.92 -6.99
C GLY A 15 -4.03 -8.38 -7.66
N ARG A 16 -4.15 -9.42 -8.48
CA ARG A 16 -3.01 -9.93 -9.26
C ARG A 16 -2.49 -8.88 -10.24
N LEU A 17 -3.41 -8.25 -10.97
CA LEU A 17 -3.03 -7.23 -11.96
C LEU A 17 -2.28 -6.07 -11.33
N ALA A 18 -2.75 -5.60 -10.17
CA ALA A 18 -2.07 -4.55 -9.42
C ALA A 18 -0.66 -4.98 -9.02
N ALA A 19 -0.55 -6.21 -8.48
CA ALA A 19 0.74 -6.79 -8.09
C ALA A 19 1.69 -6.87 -9.29
N GLU A 20 1.15 -7.29 -10.43
CA GLU A 20 1.93 -7.45 -11.66
C GLU A 20 2.42 -6.13 -12.25
N VAL A 21 1.70 -5.04 -12.02
CA VAL A 21 2.20 -3.71 -12.37
C VAL A 21 3.48 -3.41 -11.61
N LEU A 22 3.49 -3.73 -10.32
CA LEU A 22 4.66 -3.51 -9.47
C LEU A 22 5.86 -4.41 -9.82
N GLU A 23 5.56 -5.65 -10.20
CA GLU A 23 6.58 -6.56 -10.71
C GLU A 23 7.14 -6.06 -12.06
N MET A 24 6.24 -5.65 -12.95
CA MET A 24 6.59 -5.13 -14.28
C MET A 24 7.52 -3.91 -14.23
N ILE A 25 7.21 -2.97 -13.33
CA ILE A 25 7.90 -1.67 -13.30
C ILE A 25 9.29 -1.74 -12.67
N GLU A 26 9.56 -2.83 -11.97
CA GLU A 26 10.80 -2.98 -11.20
C GLU A 26 12.10 -2.65 -11.97
N PRO A 27 12.32 -3.26 -13.16
CA PRO A 27 13.56 -3.00 -13.91
C PRO A 27 13.74 -1.55 -14.35
N TYR A 28 12.64 -0.82 -14.48
CA TYR A 28 12.71 0.59 -14.87
C TYR A 28 13.13 1.51 -13.72
N VAL A 29 12.94 1.05 -12.49
CA VAL A 29 13.26 1.86 -11.31
C VAL A 29 14.77 1.91 -11.08
N LYS A 30 15.43 2.83 -11.80
CA LYS A 30 16.88 2.97 -11.76
C LYS A 30 17.27 4.46 -11.79
N PRO A 31 18.54 4.79 -11.43
CA PRO A 31 18.95 6.20 -11.49
C PRO A 31 18.79 6.76 -12.90
N GLY A 32 18.25 7.98 -13.00
CA GLY A 32 18.09 8.65 -14.28
C GLY A 32 16.69 8.67 -14.87
N VAL A 33 15.86 7.69 -14.48
CA VAL A 33 14.47 7.64 -14.97
C VAL A 33 13.62 8.71 -14.26
N SER A 34 12.65 9.26 -14.99
CA SER A 34 11.72 10.23 -14.44
C SER A 34 10.50 9.53 -13.86
N THR A 35 9.91 10.11 -12.82
CA THR A 35 8.69 9.57 -12.23
C THR A 35 7.51 9.67 -13.20
N GLY A 36 7.55 10.68 -14.06
CA GLY A 36 6.55 10.84 -15.14
C GLY A 36 6.58 9.68 -16.11
N GLU A 37 7.79 9.23 -16.45
CA GLU A 37 7.95 8.10 -17.36
C GLU A 37 7.48 6.79 -16.73
N LEU A 38 7.84 6.57 -15.47
CA LEU A 38 7.37 5.40 -14.70
C LEU A 38 5.84 5.31 -14.69
N ASP A 39 5.20 6.47 -14.55
CA ASP A 39 3.73 6.59 -14.58
C ASP A 39 3.15 6.20 -15.95
N ARG A 40 3.77 6.68 -17.02
CA ARG A 40 3.35 6.34 -18.39
C ARG A 40 3.47 4.84 -18.65
N ILE A 41 4.61 4.28 -18.30
CA ILE A 41 4.86 2.84 -18.44
C ILE A 41 3.80 2.02 -17.70
N CYS A 42 3.55 2.38 -16.44
CA CYS A 42 2.52 1.72 -15.64
C CYS A 42 1.15 1.82 -16.31
N ASN A 43 0.76 3.03 -16.70
CA ASN A 43 -0.54 3.24 -17.33
C ASN A 43 -0.71 2.52 -18.66
N ASP A 44 0.29 2.62 -19.55
CA ASP A 44 0.28 1.91 -20.83
C ASP A 44 0.09 0.41 -20.62
N TYR A 45 0.71 -0.11 -19.57
CA TYR A 45 0.62 -1.52 -19.20
C TYR A 45 -0.79 -1.88 -18.68
N ILE A 46 -1.31 -1.09 -17.75
CA ILE A 46 -2.66 -1.27 -17.20
C ILE A 46 -3.72 -1.23 -18.31
N VAL A 47 -3.63 -0.23 -19.17
CA VAL A 47 -4.62 0.00 -20.24
C VAL A 47 -4.45 -0.98 -21.40
N ASN A 48 -3.25 -1.08 -21.95
CA ASN A 48 -3.03 -1.81 -23.20
C ASN A 48 -2.81 -3.32 -23.05
N GLU A 49 -2.24 -3.74 -21.91
CA GLU A 49 -1.88 -5.15 -21.70
C GLU A 49 -2.81 -5.85 -20.71
N GLN A 50 -3.12 -5.17 -19.61
CA GLN A 50 -4.01 -5.73 -18.59
C GLN A 50 -5.48 -5.55 -18.98
N HIS A 51 -5.74 -4.66 -19.95
CA HIS A 51 -7.10 -4.24 -20.33
C HIS A 51 -7.90 -3.81 -19.10
N ALA A 52 -7.23 -3.04 -18.25
CA ALA A 52 -7.82 -2.52 -17.03
C ALA A 52 -7.65 -1.00 -16.99
N VAL A 53 -8.06 -0.39 -15.88
CA VAL A 53 -7.99 1.05 -15.73
C VAL A 53 -7.43 1.39 -14.35
N SER A 54 -6.66 2.47 -14.28
CA SER A 54 -6.21 3.02 -13.00
C SER A 54 -7.39 3.68 -12.27
N ALA A 55 -7.56 3.35 -11.00
CA ALA A 55 -8.57 3.99 -10.17
C ALA A 55 -8.15 5.37 -9.67
N CYS A 56 -6.85 5.64 -9.71
CA CYS A 56 -6.28 6.87 -9.14
C CYS A 56 -6.51 8.12 -9.99
N LEU A 57 -6.51 7.94 -11.31
CA LEU A 57 -6.68 9.05 -12.25
C LEU A 57 -8.08 9.66 -12.13
N GLY A 58 -8.14 10.93 -11.74
CA GLY A 58 -9.39 11.64 -11.62
C GLY A 58 -10.05 11.51 -10.25
N TYR A 59 -9.53 10.58 -9.45
CA TYR A 59 -10.03 10.36 -8.09
C TYR A 59 -9.67 11.55 -7.21
N HIS A 60 -10.70 12.24 -6.73
CA HIS A 60 -10.57 13.55 -6.06
C HIS A 60 -9.80 14.56 -6.90
N GLY A 61 -9.76 14.33 -8.21
CA GLY A 61 -9.04 15.20 -9.15
C GLY A 61 -7.56 14.87 -9.36
N TYR A 62 -7.13 13.68 -8.91
CA TYR A 62 -5.72 13.30 -9.02
C TYR A 62 -5.29 13.21 -10.47
N PRO A 63 -4.21 13.91 -10.84
CA PRO A 63 -3.87 14.08 -12.26
C PRO A 63 -3.18 12.88 -12.92
N LYS A 64 -2.67 11.94 -12.12
CA LYS A 64 -1.88 10.85 -12.65
C LYS A 64 -2.46 9.46 -12.39
N SER A 65 -1.82 8.45 -12.97
CA SER A 65 -2.33 7.08 -12.97
C SER A 65 -1.85 6.29 -11.75
N VAL A 66 -0.64 6.59 -11.29
CA VAL A 66 -0.07 5.98 -10.09
C VAL A 66 0.52 7.07 -9.19
N CYS A 67 0.71 6.75 -7.93
CA CYS A 67 1.39 7.64 -7.00
C CYS A 67 2.84 7.24 -6.86
N ILE A 68 3.74 8.22 -6.99
CA ILE A 68 5.17 7.94 -6.85
C ILE A 68 5.81 8.91 -5.86
N SER A 69 6.16 8.36 -4.70
CA SER A 69 6.61 9.15 -3.56
C SER A 69 8.06 8.84 -3.22
N ILE A 70 8.90 9.86 -3.18
CA ILE A 70 10.33 9.69 -2.95
C ILE A 70 10.77 10.29 -1.62
N ASN A 71 11.49 9.48 -0.84
CA ASN A 71 12.15 9.93 0.40
C ASN A 71 11.25 10.50 1.49
N GLU A 72 11.30 11.82 1.69
CA GLU A 72 10.49 12.49 2.72
C GLU A 72 9.04 12.71 2.26
N VAL A 73 8.76 12.44 0.98
CA VAL A 73 7.39 12.44 0.50
C VAL A 73 6.68 11.20 1.08
N VAL A 74 5.62 11.45 1.83
CA VAL A 74 4.87 10.42 2.53
C VAL A 74 3.95 9.64 1.59
N CYS A 75 3.13 10.37 0.84
CA CYS A 75 2.19 9.77 -0.10
C CYS A 75 1.75 10.79 -1.15
N HIS A 76 1.04 10.28 -2.16
CA HIS A 76 0.40 11.09 -3.20
C HIS A 76 1.37 11.94 -4.03
N GLY A 77 2.63 11.52 -4.07
CA GLY A 77 3.63 12.15 -4.93
C GLY A 77 3.14 12.12 -6.36
N ILE A 78 3.26 13.24 -7.07
CA ILE A 78 2.81 13.34 -8.45
C ILE A 78 3.96 13.05 -9.43
N PRO A 79 3.80 11.97 -10.24
CA PRO A 79 4.72 11.68 -11.34
C PRO A 79 4.98 12.91 -12.19
N ASP A 80 6.26 13.22 -12.39
CA ASP A 80 6.69 14.43 -13.07
C ASP A 80 7.86 14.09 -13.99
N ASP A 81 7.76 14.51 -15.25
CA ASP A 81 8.78 14.25 -16.28
C ASP A 81 10.16 14.83 -15.92
N ALA A 82 10.17 15.83 -15.04
CA ALA A 82 11.42 16.47 -14.63
C ALA A 82 12.02 15.87 -13.36
N LYS A 83 11.24 15.04 -12.65
CA LYS A 83 11.70 14.42 -11.41
C LYS A 83 12.46 13.13 -11.70
N LEU A 84 13.78 13.19 -11.53
CA LEU A 84 14.65 12.06 -11.84
C LEU A 84 15.11 11.32 -10.59
N LEU A 85 15.11 9.99 -10.67
CA LEU A 85 15.50 9.15 -9.54
C LEU A 85 17.01 9.20 -9.37
N LYS A 86 17.44 9.26 -8.11
CA LYS A 86 18.86 9.36 -7.77
C LYS A 86 19.27 8.16 -6.93
N ASP A 87 20.58 7.91 -6.87
CA ASP A 87 21.13 6.83 -6.07
C ASP A 87 20.86 7.07 -4.58
N GLY A 88 20.41 6.03 -3.89
CA GLY A 88 20.10 6.11 -2.46
C GLY A 88 18.65 6.49 -2.15
N ASP A 89 17.89 6.85 -3.19
CA ASP A 89 16.48 7.20 -3.05
C ASP A 89 15.65 6.00 -2.60
N ILE A 90 14.76 6.23 -1.64
CA ILE A 90 13.70 5.28 -1.38
C ILE A 90 12.44 5.77 -2.09
N VAL A 91 11.78 4.86 -2.81
CA VAL A 91 10.65 5.26 -3.64
C VAL A 91 9.47 4.32 -3.51
N ASN A 92 8.31 4.88 -3.21
CA ASN A 92 7.06 4.12 -3.22
C ASN A 92 6.32 4.34 -4.53
N ILE A 93 5.86 3.25 -5.12
CA ILE A 93 4.92 3.31 -6.23
C ILE A 93 3.63 2.66 -5.76
N ASP A 94 2.57 3.46 -5.73
CA ASP A 94 1.28 3.01 -5.26
C ASP A 94 0.32 2.86 -6.44
N VAL A 95 -0.17 1.63 -6.61
CA VAL A 95 -1.02 1.28 -7.75
C VAL A 95 -2.39 0.83 -7.29
N THR A 96 -3.42 1.31 -7.98
CA THR A 96 -4.77 0.77 -7.84
C THR A 96 -5.38 0.53 -9.22
N VAL A 97 -5.73 -0.72 -9.48
CA VAL A 97 -6.30 -1.14 -10.75
C VAL A 97 -7.78 -1.48 -10.55
N ILE A 98 -8.61 -1.13 -11.52
CA ILE A 98 -9.98 -1.63 -11.60
C ILE A 98 -10.10 -2.58 -12.78
N LYS A 99 -10.53 -3.81 -12.50
CA LYS A 99 -10.84 -4.79 -13.53
C LYS A 99 -12.12 -5.51 -13.19
N ASP A 100 -13.04 -5.52 -14.16
N ASP A 100 -13.06 -5.52 -14.13
CA ASP A 100 -14.35 -6.16 -14.03
CA ASP A 100 -14.33 -6.24 -13.97
C ASP A 100 -15.12 -5.68 -12.79
C ASP A 100 -15.14 -5.69 -12.77
N GLY A 101 -14.98 -4.39 -12.51
CA GLY A 101 -15.71 -3.72 -11.44
C GLY A 101 -15.01 -3.70 -10.09
N PHE A 102 -13.93 -4.46 -9.97
CA PHE A 102 -13.27 -4.66 -8.68
C PHE A 102 -11.86 -4.08 -8.60
N HIS A 103 -11.51 -3.61 -7.42
CA HIS A 103 -10.27 -2.87 -7.19
C HIS A 103 -9.16 -3.73 -6.61
N GLY A 104 -7.93 -3.48 -7.06
CA GLY A 104 -6.76 -4.09 -6.48
C GLY A 104 -5.84 -2.96 -6.08
N ASP A 105 -5.41 -2.96 -4.82
CA ASP A 105 -4.69 -1.82 -4.25
C ASP A 105 -3.40 -2.25 -3.57
N THR A 106 -2.27 -1.82 -4.13
CA THR A 106 -0.98 -2.24 -3.60
C THR A 106 0.16 -1.27 -3.89
N SER A 107 1.14 -1.26 -2.98
CA SER A 107 2.33 -0.43 -3.12
C SER A 107 3.54 -1.13 -2.52
N LYS A 108 4.72 -0.75 -2.98
CA LYS A 108 5.97 -1.23 -2.40
C LYS A 108 7.06 -0.16 -2.48
N MET A 109 8.06 -0.33 -1.64
CA MET A 109 9.26 0.48 -1.70
C MET A 109 10.28 -0.16 -2.65
N PHE A 110 10.90 0.67 -3.47
CA PHE A 110 12.12 0.32 -4.18
C PHE A 110 13.21 1.20 -3.58
N ILE A 111 14.41 0.66 -3.43
CA ILE A 111 15.58 1.49 -3.12
C ILE A 111 16.41 1.62 -4.39
N VAL A 112 16.69 2.85 -4.79
CA VAL A 112 17.46 3.13 -6.00
C VAL A 112 18.96 3.08 -5.69
N GLY A 113 19.69 2.28 -6.47
CA GLY A 113 21.13 2.11 -6.29
C GLY A 113 21.53 1.55 -4.94
N LYS A 114 22.58 2.13 -4.36
CA LYS A 114 23.10 1.71 -3.06
C LYS A 114 22.21 2.19 -1.92
N PRO A 115 21.68 1.26 -1.10
CA PRO A 115 20.88 1.63 0.06
C PRO A 115 21.72 2.32 1.14
N THR A 116 21.17 3.39 1.70
CA THR A 116 21.74 4.00 2.90
C THR A 116 21.26 3.25 4.14
N ILE A 117 21.92 3.51 5.27
CA ILE A 117 21.56 2.86 6.54
C ILE A 117 20.08 3.02 6.84
N MET A 118 19.60 4.27 6.85
CA MET A 118 18.21 4.58 7.16
C MET A 118 17.23 4.02 6.13
N GLY A 119 17.59 4.13 4.85
CA GLY A 119 16.77 3.65 3.75
C GLY A 119 16.43 2.17 3.87
N GLU A 120 17.46 1.34 3.93
CA GLU A 120 17.32 -0.10 4.12
C GLU A 120 16.49 -0.40 5.37
N ARG A 121 16.85 0.25 6.47
CA ARG A 121 16.23 -0.01 7.77
C ARG A 121 14.74 0.35 7.76
N LEU A 122 14.42 1.57 7.32
CA LEU A 122 13.03 2.05 7.29
C LEU A 122 12.15 1.16 6.40
N CYS A 123 12.64 0.83 5.21
CA CYS A 123 11.92 -0.02 4.27
C CYS A 123 11.71 -1.43 4.81
N ARG A 124 12.74 -1.97 5.45
CA ARG A 124 12.68 -3.30 6.06
C ARG A 124 11.65 -3.33 7.20
N ILE A 125 11.75 -2.35 8.10
CA ILE A 125 10.85 -2.25 9.25
C ILE A 125 9.40 -2.00 8.83
N THR A 126 9.21 -1.20 7.78
CA THR A 126 7.87 -0.88 7.26
C THR A 126 7.18 -2.12 6.69
N GLN A 127 7.89 -2.88 5.86
CA GLN A 127 7.34 -4.12 5.30
C GLN A 127 7.03 -5.13 6.40
N GLU A 128 7.92 -5.22 7.38
CA GLU A 128 7.72 -6.11 8.52
C GLU A 128 6.50 -5.72 9.35
N SER A 129 6.25 -4.42 9.47
CA SER A 129 5.06 -3.92 10.19
C SER A 129 3.78 -4.32 9.46
N LEU A 130 3.85 -4.37 8.13
CA LEU A 130 2.75 -4.88 7.31
C LEU A 130 2.62 -6.39 7.49
N TYR A 131 3.76 -7.10 7.48
CA TYR A 131 3.79 -8.56 7.55
C TYR A 131 3.23 -9.10 8.87
N LEU A 132 3.59 -8.48 9.98
CA LEU A 132 3.07 -8.88 11.29
C LEU A 132 1.57 -8.65 11.40
N ALA A 133 1.10 -7.56 10.80
CA ALA A 133 -0.32 -7.24 10.74
C ALA A 133 -1.06 -8.29 9.89
N LEU A 134 -0.45 -8.68 8.78
CA LEU A 134 -1.01 -9.70 7.89
C LEU A 134 -1.17 -11.04 8.61
N ARG A 135 -0.18 -11.40 9.42
CA ARG A 135 -0.19 -12.65 10.19
C ARG A 135 -1.22 -12.67 11.32
N MET A 136 -1.78 -11.51 11.65
CA MET A 136 -2.78 -11.38 12.71
C MET A 136 -4.21 -11.53 12.21
N VAL A 137 -4.41 -11.30 10.92
CA VAL A 137 -5.74 -11.29 10.30
C VAL A 137 -6.38 -12.68 10.34
N LYS A 138 -7.53 -12.76 10.99
CA LYS A 138 -8.36 -13.96 11.04
C LYS A 138 -9.73 -13.56 11.61
N PRO A 139 -10.77 -14.39 11.40
CA PRO A 139 -12.07 -14.09 12.01
C PRO A 139 -12.01 -13.97 13.53
N GLY A 140 -12.76 -13.03 14.09
CA GLY A 140 -12.83 -12.85 15.53
C GLY A 140 -11.95 -11.75 16.09
N ILE A 141 -10.80 -11.51 15.45
CA ILE A 141 -9.88 -10.46 15.91
C ILE A 141 -10.46 -9.06 15.60
N ASN A 142 -10.16 -8.10 16.46
CA ASN A 142 -10.55 -6.71 16.24
C ASN A 142 -9.45 -5.99 15.47
N LEU A 143 -9.85 -5.03 14.64
CA LEU A 143 -8.89 -4.21 13.87
C LEU A 143 -8.03 -3.35 14.78
N ARG A 144 -8.55 -3.05 15.98
CA ARG A 144 -7.84 -2.27 16.96
C ARG A 144 -6.58 -2.97 17.43
N GLU A 145 -6.68 -4.28 17.64
CA GLU A 145 -5.54 -5.10 18.04
C GLU A 145 -4.44 -5.04 16.96
N ILE A 146 -4.87 -5.06 15.70
CA ILE A 146 -3.95 -5.04 14.56
C ILE A 146 -3.29 -3.67 14.42
N GLY A 147 -4.09 -2.61 14.51
CA GLY A 147 -3.57 -1.25 14.52
C GLY A 147 -2.56 -1.03 15.64
N ALA A 148 -2.95 -1.39 16.86
CA ALA A 148 -2.08 -1.29 18.03
C ALA A 148 -0.75 -2.02 17.87
N ALA A 149 -0.81 -3.23 17.30
CA ALA A 149 0.38 -4.06 17.05
C ALA A 149 1.37 -3.43 16.06
N ILE A 150 0.85 -2.80 15.01
CA ILE A 150 1.69 -2.09 14.04
C ILE A 150 2.40 -0.92 14.72
N GLN A 151 1.62 -0.10 15.41
CA GLN A 151 2.11 1.09 16.10
C GLN A 151 3.18 0.72 17.13
N LYS A 152 2.89 -0.30 17.94
CA LYS A 152 3.82 -0.79 18.97
C LYS A 152 5.16 -1.20 18.37
N PHE A 153 5.09 -1.98 17.30
CA PHE A 153 6.28 -2.47 16.60
C PHE A 153 7.09 -1.32 15.99
N VAL A 154 6.41 -0.45 15.26
CA VAL A 154 7.02 0.70 14.60
C VAL A 154 7.72 1.60 15.62
N GLU A 155 7.01 1.93 16.71
CA GLU A 155 7.53 2.82 17.75
C GLU A 155 8.68 2.20 18.55
N ALA A 156 8.63 0.89 18.74
CA ALA A 156 9.72 0.14 19.41
C ALA A 156 11.02 0.23 18.62
N GLU A 157 10.91 0.48 17.31
CA GLU A 157 12.07 0.73 16.45
C GLU A 157 12.52 2.18 16.49
N GLY A 158 11.75 3.04 17.14
CA GLY A 158 12.08 4.47 17.22
C GLY A 158 11.55 5.27 16.04
N PHE A 159 10.62 4.68 15.29
CA PHE A 159 9.95 5.34 14.19
C PHE A 159 8.55 5.78 14.61
N SER A 160 7.80 6.38 13.68
CA SER A 160 6.42 6.80 13.95
C SER A 160 5.47 6.41 12.83
N VAL A 161 4.18 6.25 13.18
CA VAL A 161 3.14 5.95 12.21
C VAL A 161 2.32 7.21 11.86
N VAL A 162 2.09 7.41 10.56
CA VAL A 162 1.27 8.53 10.08
C VAL A 162 -0.20 8.28 10.41
N ARG A 163 -0.86 9.31 10.95
CA ARG A 163 -2.23 9.19 11.46
C ARG A 163 -3.31 9.51 10.43
N GLU A 164 -3.00 10.45 9.53
CA GLU A 164 -3.98 11.02 8.60
C GLU A 164 -4.54 10.01 7.61
N TYR A 165 -3.76 8.96 7.35
CA TYR A 165 -4.09 7.99 6.31
C TYR A 165 -4.17 6.58 6.86
N CYS A 166 -5.02 5.77 6.26
CA CYS A 166 -5.33 4.45 6.79
C CYS A 166 -5.63 3.47 5.67
N GLY A 167 -5.56 2.18 6.00
CA GLY A 167 -6.10 1.13 5.14
C GLY A 167 -7.60 1.27 5.04
N HIS A 168 -8.23 0.41 4.26
CA HIS A 168 -9.65 0.58 3.96
C HIS A 168 -10.23 -0.68 3.37
N GLY A 169 -11.51 -0.92 3.65
CA GLY A 169 -12.30 -1.87 2.89
C GLY A 169 -12.22 -1.51 1.42
N ILE A 170 -12.33 -2.51 0.56
CA ILE A 170 -12.12 -2.34 -0.86
C ILE A 170 -12.93 -3.39 -1.61
N GLY A 171 -13.42 -3.04 -2.80
CA GLY A 171 -14.20 -3.93 -3.65
C GLY A 171 -14.62 -3.20 -4.92
N ARG A 172 -15.94 -3.07 -5.08
CA ARG A 172 -16.49 -2.26 -6.16
C ARG A 172 -16.19 -0.78 -5.94
N GLY A 173 -16.03 -0.40 -4.67
CA GLY A 173 -15.57 0.92 -4.31
C GLY A 173 -14.09 0.93 -3.97
N PHE A 174 -13.39 1.95 -4.46
CA PHE A 174 -11.98 2.18 -4.12
C PHE A 174 -11.81 2.13 -2.60
N HIS A 175 -12.60 2.95 -1.90
CA HIS A 175 -12.58 3.00 -0.44
C HIS A 175 -13.94 2.66 0.13
N GLU A 176 -13.97 1.59 0.91
CA GLU A 176 -15.19 1.12 1.56
C GLU A 176 -14.92 1.02 3.05
N GLU A 177 -15.98 0.83 3.84
CA GLU A 177 -15.82 0.47 5.25
C GLU A 177 -15.15 -0.91 5.31
N PRO A 178 -14.31 -1.16 6.33
CA PRO A 178 -13.97 -0.25 7.43
C PRO A 178 -12.71 0.59 7.16
N GLN A 179 -12.48 1.59 8.01
CA GLN A 179 -11.19 2.26 8.06
C GLN A 179 -10.22 1.31 8.76
N VAL A 180 -9.01 1.18 8.23
CA VAL A 180 -7.99 0.35 8.87
C VAL A 180 -6.82 1.22 9.35
N LEU A 181 -6.92 1.67 10.59
CA LEU A 181 -5.87 2.45 11.24
C LEU A 181 -4.65 1.59 11.56
N HIS A 182 -3.47 2.20 11.49
CA HIS A 182 -2.20 1.52 11.76
C HIS A 182 -1.65 1.96 13.11
N TYR A 183 -2.58 2.34 13.99
CA TYR A 183 -2.28 2.76 15.34
C TYR A 183 -3.50 2.47 16.22
N ASP A 184 -3.30 2.48 17.53
CA ASP A 184 -4.37 2.22 18.49
C ASP A 184 -5.30 3.43 18.61
N SER A 185 -6.60 3.19 18.40
CA SER A 185 -7.60 4.23 18.55
C SER A 185 -8.85 3.74 19.29
N ARG A 186 -9.39 4.61 20.13
N ARG A 186 -9.38 4.59 20.15
CA ARG A 186 -10.57 4.30 20.94
CA ARG A 186 -10.58 4.28 20.94
C ARG A 186 -11.85 4.13 20.11
C ARG A 186 -11.81 4.02 20.06
N GLU A 187 -11.84 4.64 18.89
CA GLU A 187 -13.02 4.52 18.00
C GLU A 187 -13.00 3.31 17.07
N THR A 188 -11.87 2.62 17.00
CA THR A 188 -11.80 1.38 16.25
C THR A 188 -12.43 0.23 17.05
N ASN A 189 -13.45 -0.39 16.45
CA ASN A 189 -14.14 -1.55 16.98
C ASN A 189 -14.80 -2.31 15.85
N VAL A 190 -13.98 -3.08 15.13
CA VAL A 190 -14.43 -3.88 13.99
C VAL A 190 -13.91 -5.29 14.18
N VAL A 191 -14.84 -6.23 14.36
CA VAL A 191 -14.50 -7.64 14.47
C VAL A 191 -14.43 -8.20 13.05
N LEU A 192 -13.30 -8.82 12.72
CA LEU A 192 -13.07 -9.38 11.39
C LEU A 192 -13.89 -10.63 11.15
N LYS A 193 -14.41 -10.74 9.92
CA LYS A 193 -15.27 -11.85 9.50
C LYS A 193 -14.79 -12.39 8.17
N PRO A 194 -15.06 -13.68 7.88
CA PRO A 194 -14.68 -14.20 6.55
C PRO A 194 -15.39 -13.43 5.44
N GLY A 195 -14.68 -13.19 4.34
CA GLY A 195 -15.27 -12.51 3.18
C GLY A 195 -15.01 -11.02 3.13
N MET A 196 -14.59 -10.46 4.26
CA MET A 196 -14.18 -9.06 4.31
C MET A 196 -12.91 -8.86 3.49
N THR A 197 -12.92 -7.83 2.65
CA THR A 197 -11.75 -7.46 1.87
C THR A 197 -11.34 -6.03 2.21
N PHE A 198 -10.05 -5.86 2.50
CA PHE A 198 -9.51 -4.55 2.86
C PHE A 198 -8.00 -4.47 2.60
N THR A 199 -7.48 -3.26 2.74
CA THR A 199 -6.04 -3.04 2.60
C THR A 199 -5.43 -2.74 3.96
N ILE A 200 -4.14 -3.05 4.09
CA ILE A 200 -3.33 -2.59 5.21
C ILE A 200 -2.14 -1.87 4.57
N GLU A 201 -1.92 -0.62 4.96
CA GLU A 201 -0.93 0.22 4.28
C GLU A 201 -0.20 1.22 5.19
N PRO A 202 0.60 0.71 6.15
CA PRO A 202 1.25 1.60 7.11
C PRO A 202 2.22 2.56 6.43
N MET A 203 2.06 3.85 6.72
CA MET A 203 3.03 4.88 6.38
C MET A 203 3.89 5.12 7.60
N VAL A 204 5.19 4.95 7.44
CA VAL A 204 6.10 4.99 8.59
C VAL A 204 7.15 6.08 8.37
N ASN A 205 7.21 7.01 9.32
CA ASN A 205 8.21 8.07 9.30
C ASN A 205 9.39 7.68 10.16
N ALA A 206 10.60 7.89 9.65
CA ALA A 206 11.83 7.72 10.42
C ALA A 206 11.85 8.63 11.64
N GLY A 207 11.36 9.85 11.48
CA GLY A 207 11.28 10.80 12.58
C GLY A 207 9.88 10.94 13.13
N LYS A 208 9.38 12.17 13.18
CA LYS A 208 8.10 12.51 13.79
C LYS A 208 6.91 12.23 12.88
N LYS A 209 5.75 12.00 13.49
CA LYS A 209 4.54 11.59 12.77
C LYS A 209 3.84 12.68 11.96
N GLU A 210 4.10 13.93 12.31
CA GLU A 210 3.43 15.07 11.68
C GLU A 210 3.81 15.23 10.22
N ILE A 211 2.80 15.54 9.41
CA ILE A 211 2.98 15.67 7.96
C ILE A 211 2.50 17.03 7.47
N ARG A 212 2.90 17.37 6.26
CA ARG A 212 2.59 18.65 5.66
C ARG A 212 2.23 18.43 4.19
N THR A 213 1.13 19.04 3.75
CA THR A 213 0.75 19.00 2.34
C THR A 213 1.33 20.20 1.62
N MET A 214 1.84 19.96 0.42
CA MET A 214 2.45 21.02 -0.39
C MET A 214 1.41 21.88 -1.10
N LYS A 215 1.88 22.96 -1.73
CA LYS A 215 1.01 23.96 -2.34
C LYS A 215 0.33 23.45 -3.61
N ASP A 216 0.74 22.27 -4.08
CA ASP A 216 0.08 21.61 -5.20
C ASP A 216 -1.22 20.89 -4.79
N GLY A 217 -1.48 20.86 -3.48
CA GLY A 217 -2.66 20.21 -2.93
C GLY A 217 -2.54 18.70 -2.78
N TRP A 218 -1.45 18.11 -3.28
CA TRP A 218 -1.30 16.66 -3.33
C TRP A 218 -0.09 16.11 -2.57
N THR A 219 1.09 16.66 -2.85
CA THR A 219 2.33 16.14 -2.30
C THR A 219 2.38 16.29 -0.77
N VAL A 220 2.43 15.14 -0.10
CA VAL A 220 2.48 15.11 1.36
C VAL A 220 3.90 14.74 1.77
N LYS A 221 4.49 15.55 2.63
CA LYS A 221 5.85 15.33 3.12
C LYS A 221 5.83 15.25 4.63
N THR A 222 6.86 14.62 5.20
CA THR A 222 7.08 14.64 6.64
C THR A 222 7.40 16.07 7.05
N LYS A 223 6.83 16.49 8.18
CA LYS A 223 7.05 17.84 8.68
C LYS A 223 8.51 18.10 9.09
N ASP A 224 9.19 17.05 9.56
CA ASP A 224 10.59 17.18 9.99
C ASP A 224 11.61 16.78 8.92
N ARG A 225 11.12 16.60 7.68
CA ARG A 225 11.94 16.25 6.51
C ARG A 225 12.58 14.86 6.59
N SER A 226 12.17 14.06 7.57
CA SER A 226 12.67 12.69 7.72
C SER A 226 12.14 11.77 6.63
N LEU A 227 12.77 10.62 6.46
CA LEU A 227 12.35 9.65 5.47
C LEU A 227 10.99 9.06 5.85
N SER A 228 10.22 8.68 4.83
CA SER A 228 8.94 8.01 5.04
C SER A 228 8.79 6.85 4.05
N ALA A 229 8.33 5.70 4.55
CA ALA A 229 8.12 4.52 3.71
C ALA A 229 6.73 3.94 3.90
N GLN A 230 6.25 3.26 2.85
CA GLN A 230 4.94 2.62 2.86
C GLN A 230 4.95 1.32 2.04
N TYR A 231 4.25 0.31 2.55
CA TYR A 231 3.91 -0.88 1.78
C TYR A 231 2.42 -1.11 1.95
N GLU A 232 1.79 -1.67 0.92
CA GLU A 232 0.36 -1.95 0.94
C GLU A 232 0.03 -3.28 0.31
N HIS A 233 -0.87 -4.02 0.95
CA HIS A 233 -1.47 -5.21 0.35
C HIS A 233 -2.99 -5.19 0.51
N THR A 234 -3.68 -5.70 -0.52
CA THR A 234 -5.10 -5.99 -0.45
C THR A 234 -5.25 -7.46 -0.03
N ILE A 235 -6.13 -7.70 0.94
N ILE A 235 -6.14 -7.70 0.93
CA ILE A 235 -6.37 -9.05 1.43
CA ILE A 235 -6.36 -9.05 1.45
C ILE A 235 -7.86 -9.41 1.50
C ILE A 235 -7.85 -9.40 1.58
N VAL A 236 -8.14 -10.70 1.59
CA VAL A 236 -9.47 -11.20 1.90
C VAL A 236 -9.34 -12.02 3.19
N VAL A 237 -10.24 -11.79 4.14
CA VAL A 237 -10.29 -12.61 5.35
C VAL A 237 -10.92 -13.96 5.00
N THR A 238 -10.20 -15.03 5.30
CA THR A 238 -10.69 -16.40 5.09
C THR A 238 -11.21 -16.96 6.41
N ASP A 239 -11.72 -18.19 6.39
CA ASP A 239 -12.29 -18.85 7.56
C ASP A 239 -11.28 -19.07 8.70
N ASN A 240 -10.00 -19.17 8.37
CA ASN A 240 -8.97 -19.45 9.35
C ASN A 240 -7.74 -18.53 9.29
N GLY A 241 -7.85 -17.44 8.52
CA GLY A 241 -6.78 -16.47 8.41
C GLY A 241 -7.05 -15.42 7.35
N CYS A 242 -6.17 -15.34 6.37
CA CYS A 242 -6.34 -14.44 5.23
C CYS A 242 -5.55 -14.86 4.00
N GLU A 243 -5.99 -14.37 2.85
CA GLU A 243 -5.28 -14.56 1.59
C GLU A 243 -4.82 -13.19 1.09
N ILE A 244 -3.54 -13.10 0.74
CA ILE A 244 -3.00 -11.86 0.19
C ILE A 244 -3.23 -11.84 -1.32
N LEU A 245 -4.03 -10.88 -1.77
CA LEU A 245 -4.51 -10.82 -3.14
C LEU A 245 -3.53 -10.13 -4.06
N THR A 246 -2.67 -9.31 -3.47
CA THR A 246 -1.70 -8.52 -4.22
C THR A 246 -0.26 -8.99 -3.98
N LEU A 247 -0.10 -10.27 -3.62
CA LEU A 247 1.23 -10.83 -3.41
C LEU A 247 2.07 -10.80 -4.68
N ARG A 248 3.35 -10.49 -4.54
CA ARG A 248 4.30 -10.49 -5.66
C ARG A 248 5.31 -11.62 -5.48
N LYS A 249 6.12 -11.85 -6.52
CA LYS A 249 7.22 -12.82 -6.47
C LYS A 249 8.31 -12.43 -5.46
N ASP A 250 8.45 -11.13 -5.19
CA ASP A 250 9.48 -10.66 -4.26
C ASP A 250 9.01 -10.59 -2.80
N ASP A 251 7.72 -10.82 -2.58
CA ASP A 251 7.17 -10.95 -1.23
C ASP A 251 7.76 -12.20 -0.57
N THR A 252 8.03 -12.11 0.73
CA THR A 252 8.65 -13.22 1.47
C THR A 252 7.67 -13.79 2.49
N ILE A 253 6.39 -13.51 2.27
CA ILE A 253 5.31 -14.03 3.09
C ILE A 253 4.43 -14.90 2.16
N PRO A 254 3.86 -16.00 2.67
CA PRO A 254 2.99 -16.84 1.82
C PRO A 254 1.64 -16.18 1.50
N ALA A 255 1.10 -16.49 0.32
CA ALA A 255 -0.17 -15.93 -0.14
C ALA A 255 -1.35 -16.32 0.76
N ILE A 256 -1.32 -17.55 1.26
CA ILE A 256 -2.36 -18.05 2.16
C ILE A 256 -1.79 -18.15 3.57
N ILE A 257 -2.35 -17.38 4.49
CA ILE A 257 -1.96 -17.47 5.89
C ILE A 257 -3.09 -18.17 6.65
N SER A 258 -2.76 -19.33 7.23
CA SER A 258 -3.74 -20.13 7.94
C SER A 258 -3.35 -20.32 9.39
N HIS A 259 -4.35 -20.24 10.28
CA HIS A 259 -4.15 -20.44 11.71
C HIS A 259 -4.88 -21.70 12.19
N ASP A 260 -5.26 -22.53 11.22
CA ASP A 260 -5.88 -23.83 11.47
C ASP A 260 -4.80 -24.90 11.50
N GLU A 261 -5.11 -26.06 12.08
CA GLU A 261 -4.20 -27.21 12.04
C GLU A 261 -4.65 -28.28 11.07
MN MN B . -5.21 2.06 -0.41
MN MN C . -2.71 2.33 -2.66
O2 W29 D . -3.71 3.56 -1.43
C10 W29 D . -4.21 4.79 -1.72
C05 W29 D . -5.44 5.17 -1.21
O1 W29 D . -6.12 4.30 -0.41
C03 W29 D . -5.97 6.42 -1.48
C06 W29 D . -3.51 5.68 -2.54
C04 W29 D . -4.04 6.95 -2.82
C01 W29 D . -5.28 7.32 -2.29
C02 W29 D . -5.87 8.67 -2.58
S W29 D . -6.58 9.55 -1.27
C07 W29 D . -7.06 10.92 -2.20
C09 W29 D . -6.67 10.71 -3.53
C08 W29 D . -6.01 9.49 -3.81
C11 W29 D . -5.53 9.08 -5.18
C12 W29 D . -4.10 9.52 -5.34
#